data_4D2M
#
_entry.id   4D2M
#
_cell.length_a   56.503
_cell.length_b   56.503
_cell.length_c   232.685
_cell.angle_alpha   90.00
_cell.angle_beta   90.00
_cell.angle_gamma   90.00
#
_symmetry.space_group_name_H-M   'P 41 21 2'
#
loop_
_entity.id
_entity.type
_entity.pdbx_description
1 polymer 'PROTEIN F1'
2 polymer 'BCL-2-LIKE PROTEIN 11'
3 non-polymer (4R)-2-METHYLPENTANE-2,4-DIOL
4 non-polymer 'CHLORIDE ION'
5 water water
#
loop_
_entity_poly.entity_id
_entity_poly.type
_entity_poly.pdbx_seq_one_letter_code
_entity_poly.pdbx_strand_id
1 'polypeptide(L)'
;MGSHHHHHHSQDPVQDIEDEASNNVDHDYVYPLPENMVYRFDKSTNILDYLSTERDHVMMAVRYYMSKQRLDDLYRQLPT
KTRSYIDIINIYCDKVSNDYNRDMNIMYDMASTKSFTVYDFNNEVNTIMLDNKGLGVRLATISFITELGRR(CME)MNPV
KTIKMFTLLSHTICDDCFVDYITDIS
;
A,C
2 'polypeptide(L)' DMRPEIWIAQELRRIGDEFNAYYARR B,D
#
# COMPACT_ATOMS: atom_id res chain seq x y z
N ILE A 47 1.70 -2.51 -17.35
CA ILE A 47 1.56 -1.25 -16.64
C ILE A 47 1.05 -0.15 -17.58
N LEU A 48 1.61 -0.11 -18.78
CA LEU A 48 1.22 0.90 -19.76
C LEU A 48 -0.06 0.49 -20.48
N ASP A 49 -0.51 -0.74 -20.22
CA ASP A 49 -1.81 -1.19 -20.70
C ASP A 49 -2.90 -0.71 -19.75
N TYR A 50 -2.49 -0.32 -18.54
CA TYR A 50 -3.40 0.24 -17.54
C TYR A 50 -3.47 1.76 -17.67
N LEU A 51 -2.45 2.35 -18.29
CA LEU A 51 -2.37 3.80 -18.47
C LEU A 51 -2.71 4.20 -19.90
N SER A 52 -3.97 4.02 -20.29
CA SER A 52 -4.39 4.27 -21.67
C SER A 52 -4.83 5.71 -21.90
N THR A 53 -5.69 6.21 -21.02
CA THR A 53 -6.22 7.57 -21.13
C THR A 53 -5.55 8.48 -20.11
N GLU A 54 -5.78 9.79 -20.28
CA GLU A 54 -5.30 10.77 -19.31
C GLU A 54 -5.91 10.49 -17.93
N ARG A 55 -7.16 10.04 -17.92
CA ARG A 55 -7.85 9.71 -16.68
C ARG A 55 -7.12 8.60 -15.94
N ASP A 56 -6.72 7.56 -16.66
CA ASP A 56 -5.98 6.45 -16.07
C ASP A 56 -4.69 6.93 -15.44
N HIS A 57 -4.01 7.86 -16.11
CA HIS A 57 -2.77 8.43 -15.59
C HIS A 57 -3.01 9.20 -14.30
N VAL A 58 -4.01 10.09 -14.32
CA VAL A 58 -4.27 10.94 -13.17
C VAL A 58 -4.75 10.07 -12.02
N MET A 59 -5.62 9.11 -12.32
CA MET A 59 -6.11 8.19 -11.29
C MET A 59 -4.96 7.43 -10.63
N MET A 60 -4.04 6.93 -11.45
CA MET A 60 -2.86 6.25 -10.95
C MET A 60 -2.05 7.16 -10.04
N ALA A 61 -1.96 8.44 -10.43
CA ALA A 61 -1.20 9.42 -9.67
C ALA A 61 -1.83 9.68 -8.30
N VAL A 62 -3.16 9.74 -8.26
CA VAL A 62 -3.88 9.96 -7.02
C VAL A 62 -3.68 8.77 -6.09
N ARG A 63 -3.86 7.56 -6.63
CA ARG A 63 -3.68 6.34 -5.84
C ARG A 63 -2.28 6.25 -5.24
N TYR A 64 -1.28 6.58 -6.04
CA TYR A 64 0.11 6.51 -5.59
C TYR A 64 0.34 7.48 -4.44
N TYR A 65 -0.17 8.71 -4.61
CA TYR A 65 0.00 9.74 -3.58
C TYR A 65 -0.62 9.33 -2.27
N MET A 66 -1.83 8.78 -2.33
CA MET A 66 -2.55 8.37 -1.13
C MET A 66 -1.76 7.27 -0.40
N SER A 67 -1.32 6.27 -1.15
CA SER A 67 -0.62 5.13 -0.56
C SER A 67 0.76 5.51 -0.05
N LYS A 68 1.47 6.33 -0.82
CA LYS A 68 2.79 6.78 -0.44
C LYS A 68 2.71 7.62 0.83
N GLN A 69 1.74 8.51 0.90
CA GLN A 69 1.51 9.34 2.07
C GLN A 69 1.22 8.49 3.30
N ARG A 70 0.41 7.45 3.12
CA ARG A 70 0.09 6.54 4.21
C ARG A 70 1.34 5.85 4.73
N LEU A 71 2.15 5.33 3.82
CA LEU A 71 3.34 4.59 4.20
C LEU A 71 4.34 5.50 4.90
N ASP A 72 4.46 6.73 4.41
CA ASP A 72 5.32 7.73 5.03
C ASP A 72 4.89 8.00 6.47
N ASP A 73 3.58 8.21 6.66
CA ASP A 73 3.07 8.53 7.98
C ASP A 73 3.14 7.34 8.92
N LEU A 74 2.96 6.14 8.37
CA LEU A 74 3.06 4.93 9.17
C LEU A 74 4.48 4.80 9.73
N TYR A 75 5.47 4.99 8.87
CA TYR A 75 6.87 4.89 9.28
C TYR A 75 7.22 5.90 10.38
N ARG A 76 6.71 7.12 10.26
CA ARG A 76 6.97 8.16 11.25
C ARG A 76 6.51 7.74 12.64
N GLN A 77 5.47 6.92 12.69
CA GLN A 77 4.86 6.49 13.94
C GLN A 77 5.55 5.28 14.54
N LEU A 78 6.24 4.51 13.71
CA LEU A 78 6.89 3.29 14.18
C LEU A 78 8.01 3.60 15.17
N PRO A 79 8.12 2.82 16.26
CA PRO A 79 9.22 3.01 17.20
C PRO A 79 10.54 2.47 16.66
N THR A 80 11.63 2.75 17.37
CA THR A 80 12.96 2.32 16.98
C THR A 80 13.04 0.83 16.68
N LYS A 81 12.40 0.03 17.53
CA LYS A 81 12.46 -1.42 17.44
C LYS A 81 11.93 -1.91 16.09
N THR A 82 10.82 -1.33 15.65
CA THR A 82 10.17 -1.78 14.41
C THR A 82 10.99 -1.35 13.20
N ARG A 83 11.58 -0.17 13.28
CA ARG A 83 12.41 0.35 12.20
C ARG A 83 13.66 -0.50 12.02
N SER A 84 14.20 -1.00 13.12
CA SER A 84 15.35 -1.89 13.08
C SER A 84 14.99 -3.18 12.35
N TYR A 85 13.83 -3.73 12.66
CA TYR A 85 13.37 -4.96 12.04
C TYR A 85 13.17 -4.75 10.55
N ILE A 86 12.68 -3.56 10.18
CA ILE A 86 12.51 -3.22 8.78
C ILE A 86 13.86 -3.18 8.06
N ASP A 87 14.86 -2.58 8.71
CA ASP A 87 16.21 -2.53 8.14
C ASP A 87 16.76 -3.93 7.91
N ILE A 88 16.54 -4.81 8.89
CA ILE A 88 17.04 -6.18 8.80
C ILE A 88 16.39 -6.92 7.63
N ILE A 89 15.07 -6.79 7.52
CA ILE A 89 14.35 -7.44 6.42
C ILE A 89 14.79 -6.85 5.09
N ASN A 90 14.98 -5.54 5.06
CA ASN A 90 15.47 -4.87 3.86
C ASN A 90 16.82 -5.40 3.41
N ILE A 91 17.76 -5.50 4.35
CA ILE A 91 19.10 -5.96 4.03
C ILE A 91 19.09 -7.41 3.54
N TYR A 92 18.42 -8.28 4.28
CA TYR A 92 18.50 -9.71 4.03
C TYR A 92 17.68 -10.15 2.81
N CYS A 93 16.50 -9.58 2.62
CA CYS A 93 15.64 -9.98 1.50
C CYS A 93 16.08 -9.34 0.19
N ASP A 94 16.72 -8.19 0.26
CA ASP A 94 17.27 -7.56 -0.95
C ASP A 94 18.35 -8.45 -1.52
N LYS A 95 19.17 -9.03 -0.65
CA LYS A 95 20.27 -9.89 -1.08
C LYS A 95 19.73 -11.19 -1.69
N VAL A 96 18.77 -11.79 -1.02
CA VAL A 96 18.11 -13.00 -1.52
C VAL A 96 17.47 -12.69 -2.87
N SER A 97 16.75 -11.56 -2.95
CA SER A 97 16.07 -11.19 -4.17
C SER A 97 17.04 -10.97 -5.32
N ASN A 98 18.22 -10.44 -5.01
CA ASN A 98 19.24 -10.21 -6.03
C ASN A 98 19.95 -11.51 -6.40
N ASP A 99 20.39 -12.24 -5.39
CA ASP A 99 21.12 -13.49 -5.60
C ASP A 99 20.29 -14.52 -6.37
N TYR A 100 19.01 -14.61 -6.04
CA TYR A 100 18.13 -15.60 -6.63
C TYR A 100 17.09 -14.96 -7.56
N ASN A 101 17.47 -13.83 -8.15
CA ASN A 101 16.60 -13.09 -9.05
C ASN A 101 16.05 -13.95 -10.20
N ARG A 102 16.91 -14.76 -10.80
CA ARG A 102 16.49 -15.66 -11.87
C ARG A 102 15.48 -16.66 -11.34
N ASP A 103 15.73 -17.19 -10.14
CA ASP A 103 14.84 -18.16 -9.52
C ASP A 103 13.47 -17.55 -9.22
N MET A 104 13.48 -16.28 -8.82
CA MET A 104 12.24 -15.58 -8.50
C MET A 104 11.39 -15.37 -9.75
N ASN A 105 12.03 -14.98 -10.84
CA ASN A 105 11.33 -14.73 -12.10
C ASN A 105 10.61 -15.98 -12.62
N ILE A 106 11.34 -17.09 -12.68
CA ILE A 106 10.77 -18.34 -13.21
C ILE A 106 9.71 -18.90 -12.27
N MET A 107 9.82 -18.60 -10.97
CA MET A 107 8.81 -19.04 -10.02
C MET A 107 7.54 -18.19 -10.15
N TYR A 108 7.69 -16.95 -10.60
CA TYR A 108 6.52 -16.12 -10.88
C TYR A 108 5.75 -16.68 -12.07
N ASP A 109 6.48 -17.15 -13.07
CA ASP A 109 5.87 -17.75 -14.26
C ASP A 109 4.99 -18.93 -13.88
N MET A 110 5.41 -19.67 -12.84
CA MET A 110 4.60 -20.77 -12.33
C MET A 110 3.38 -20.25 -11.59
N ALA A 111 3.53 -19.11 -10.92
CA ALA A 111 2.45 -18.52 -10.13
C ALA A 111 1.40 -17.89 -11.03
N SER A 112 1.80 -17.49 -12.23
CA SER A 112 0.87 -16.88 -13.17
C SER A 112 0.00 -17.94 -13.83
N THR A 113 0.25 -19.20 -13.49
CA THR A 113 -0.55 -20.33 -13.96
C THR A 113 -2.01 -20.15 -13.57
N LYS A 114 -2.91 -20.70 -14.39
CA LYS A 114 -4.35 -20.60 -14.16
C LYS A 114 -4.75 -21.19 -12.81
N SER A 115 -4.28 -22.41 -12.53
CA SER A 115 -4.66 -23.14 -11.33
C SER A 115 -3.95 -22.69 -10.04
N PHE A 116 -3.13 -21.65 -10.13
CA PHE A 116 -2.45 -21.14 -8.94
C PHE A 116 -3.38 -20.23 -8.14
N THR A 117 -3.39 -20.41 -6.82
CA THR A 117 -4.17 -19.56 -5.94
C THR A 117 -3.35 -19.20 -4.72
N VAL A 118 -3.47 -17.95 -4.27
CA VAL A 118 -2.76 -17.49 -3.09
C VAL A 118 -3.18 -18.29 -1.86
N TYR A 119 -4.47 -18.63 -1.79
CA TYR A 119 -5.00 -19.40 -0.67
C TYR A 119 -4.24 -20.70 -0.50
N ASP A 120 -4.17 -21.49 -1.57
CA ASP A 120 -3.47 -22.77 -1.55
C ASP A 120 -1.97 -22.59 -1.33
N PHE A 121 -1.38 -21.56 -1.92
CA PHE A 121 0.04 -21.32 -1.76
C PHE A 121 0.36 -21.00 -0.30
N ASN A 122 -0.48 -20.18 0.32
CA ASN A 122 -0.33 -19.86 1.73
C ASN A 122 -0.23 -21.12 2.59
N ASN A 123 -1.12 -22.07 2.32
CA ASN A 123 -1.18 -23.31 3.09
C ASN A 123 0.06 -24.19 2.88
N GLU A 124 0.59 -24.20 1.65
CA GLU A 124 1.79 -24.95 1.36
C GLU A 124 3.01 -24.31 2.05
N VAL A 125 3.05 -22.98 2.05
CA VAL A 125 4.09 -22.25 2.75
C VAL A 125 4.02 -22.58 4.24
N ASN A 126 2.82 -22.55 4.79
CA ASN A 126 2.62 -22.89 6.19
C ASN A 126 3.16 -24.28 6.49
N THR A 127 2.88 -25.22 5.60
CA THR A 127 3.31 -26.60 5.75
C THR A 127 4.84 -26.70 5.76
N ILE A 128 5.49 -26.02 4.82
CA ILE A 128 6.95 -26.08 4.69
C ILE A 128 7.64 -25.55 5.95
N MET A 129 7.12 -24.46 6.50
CA MET A 129 7.75 -23.80 7.63
C MET A 129 7.65 -24.60 8.91
N LEU A 130 6.64 -25.46 9.00
CA LEU A 130 6.45 -26.29 10.18
C LEU A 130 7.57 -27.32 10.33
N ASP A 131 8.04 -27.84 9.20
CA ASP A 131 9.11 -28.83 9.20
C ASP A 131 10.48 -28.17 9.06
N ASN A 132 10.53 -27.14 8.22
CA ASN A 132 11.78 -26.42 7.97
C ASN A 132 11.85 -25.15 8.82
N LYS A 133 12.80 -25.14 9.76
CA LYS A 133 12.91 -24.04 10.72
C LYS A 133 14.14 -23.16 10.48
N GLY A 134 14.68 -23.21 9.27
CA GLY A 134 15.80 -22.36 8.91
C GLY A 134 15.34 -20.95 8.58
N LEU A 135 16.26 -20.00 8.63
CA LEU A 135 15.94 -18.61 8.31
C LEU A 135 15.71 -18.42 6.82
N GLY A 136 16.47 -19.16 6.02
CA GLY A 136 16.48 -19.01 4.58
C GLY A 136 15.12 -19.12 3.90
N VAL A 137 14.36 -20.16 4.25
CA VAL A 137 13.09 -20.40 3.58
C VAL A 137 12.10 -19.28 3.87
N ARG A 138 12.25 -18.65 5.03
CA ARG A 138 11.38 -17.56 5.43
C ARG A 138 11.73 -16.28 4.68
N LEU A 139 13.03 -16.01 4.55
CA LEU A 139 13.50 -14.87 3.77
C LEU A 139 13.17 -15.03 2.29
N ALA A 140 13.28 -16.25 1.79
CA ALA A 140 13.02 -16.53 0.38
C ALA A 140 11.54 -16.34 0.06
N THR A 141 10.68 -16.72 0.99
CA THR A 141 9.25 -16.60 0.78
C THR A 141 8.84 -15.13 0.72
N ILE A 142 9.39 -14.33 1.63
CA ILE A 142 9.13 -12.90 1.62
C ILE A 142 9.55 -12.31 0.27
N SER A 143 10.76 -12.66 -0.18
CA SER A 143 11.27 -12.16 -1.45
C SER A 143 10.36 -12.56 -2.61
N PHE A 144 9.89 -13.81 -2.59
CA PHE A 144 9.00 -14.27 -3.65
C PHE A 144 7.66 -13.54 -3.61
N ILE A 145 7.08 -13.40 -2.42
CA ILE A 145 5.81 -12.70 -2.26
C ILE A 145 5.97 -11.24 -2.65
N THR A 146 7.12 -10.66 -2.33
CA THR A 146 7.40 -9.28 -2.71
C THR A 146 7.40 -9.16 -4.23
N GLU A 147 7.99 -10.14 -4.91
CA GLU A 147 8.05 -10.16 -6.36
C GLU A 147 6.65 -10.29 -6.98
N LEU A 148 5.80 -11.11 -6.35
CA LEU A 148 4.42 -11.24 -6.81
C LEU A 148 3.70 -9.89 -6.69
N GLY A 149 4.05 -9.14 -5.65
CA GLY A 149 3.45 -7.84 -5.43
C GLY A 149 3.86 -6.83 -6.50
N ARG A 150 5.12 -6.89 -6.91
CA ARG A 150 5.64 -5.97 -7.93
C ARG A 150 4.92 -6.12 -9.27
N ARG A 151 4.42 -7.32 -9.55
CA ARG A 151 3.84 -7.62 -10.84
C ARG A 151 2.31 -7.71 -10.81
N MET A 153 -1.13 -5.76 -10.46
CA MET A 153 -1.66 -4.42 -10.69
C MET A 153 -2.89 -4.13 -9.84
N ASN A 154 -3.57 -5.18 -9.38
CA ASN A 154 -4.71 -5.00 -8.49
C ASN A 154 -4.22 -4.72 -7.06
N PRO A 155 -4.38 -3.48 -6.59
CA PRO A 155 -3.80 -3.14 -5.28
C PRO A 155 -4.50 -3.86 -4.11
N VAL A 156 -5.79 -4.15 -4.28
CA VAL A 156 -6.57 -4.81 -3.25
C VAL A 156 -6.13 -6.26 -3.07
N LYS A 157 -6.04 -7.00 -4.17
CA LYS A 157 -5.59 -8.39 -4.11
C LYS A 157 -4.15 -8.47 -3.61
N THR A 158 -3.35 -7.48 -3.95
CA THR A 158 -1.96 -7.45 -3.52
C THR A 158 -1.85 -7.29 -2.01
N ILE A 159 -2.57 -6.33 -1.45
CA ILE A 159 -2.47 -6.04 -0.03
C ILE A 159 -3.06 -7.19 0.78
N LYS A 160 -4.09 -7.83 0.21
CA LYS A 160 -4.65 -9.05 0.81
C LYS A 160 -3.59 -10.13 0.91
N MET A 161 -2.81 -10.29 -0.17
CA MET A 161 -1.77 -11.31 -0.22
C MET A 161 -0.68 -11.02 0.82
N PHE A 162 -0.25 -9.77 0.87
CA PHE A 162 0.76 -9.35 1.85
C PHE A 162 0.31 -9.64 3.27
N THR A 163 -0.93 -9.27 3.57
CA THR A 163 -1.47 -9.41 4.92
C THR A 163 -1.51 -10.88 5.33
N LEU A 164 -2.11 -11.71 4.49
CA LEU A 164 -2.20 -13.14 4.76
C LEU A 164 -0.83 -13.78 4.93
N LEU A 165 0.04 -13.63 3.94
CA LEU A 165 1.32 -14.32 3.96
C LEU A 165 2.24 -13.84 5.08
N SER A 166 2.09 -12.58 5.48
CA SER A 166 2.89 -12.04 6.58
C SER A 166 2.61 -12.78 7.89
N HIS A 167 1.34 -13.08 8.14
CA HIS A 167 0.95 -13.90 9.28
C HIS A 167 1.64 -15.26 9.20
N THR A 168 1.51 -15.91 8.05
CA THR A 168 2.05 -17.25 7.84
C THR A 168 3.57 -17.29 7.95
N ILE A 169 4.25 -16.27 7.43
CA ILE A 169 5.70 -16.26 7.43
C ILE A 169 6.27 -15.93 8.81
N CYS A 170 5.60 -15.02 9.53
CA CYS A 170 6.09 -14.60 10.83
C CYS A 170 5.66 -15.56 11.93
N ASP A 171 6.16 -16.78 11.86
CA ASP A 171 5.93 -17.75 12.94
C ASP A 171 6.93 -17.47 14.05
N ASP A 172 6.78 -18.18 15.17
CA ASP A 172 7.64 -17.96 16.33
C ASP A 172 9.12 -18.09 15.96
N CYS A 173 9.41 -19.04 15.09
CA CYS A 173 10.77 -19.29 14.64
C CYS A 173 11.36 -18.08 13.93
N PHE A 174 10.60 -17.48 13.01
CA PHE A 174 11.06 -16.31 12.28
C PHE A 174 11.27 -15.13 13.22
N VAL A 175 10.30 -14.93 14.11
CA VAL A 175 10.38 -13.86 15.10
C VAL A 175 11.66 -13.99 15.92
N ASP A 176 11.95 -15.22 16.36
CA ASP A 176 13.15 -15.47 17.14
C ASP A 176 14.40 -15.07 16.37
N TYR A 177 14.40 -15.33 15.07
CA TYR A 177 15.55 -14.98 14.23
C TYR A 177 15.74 -13.47 14.15
N ILE A 178 14.66 -12.75 13.84
CA ILE A 178 14.74 -11.31 13.65
C ILE A 178 15.12 -10.60 14.97
N THR A 179 14.58 -11.09 16.07
CA THR A 179 14.84 -10.49 17.37
C THR A 179 16.27 -10.73 17.84
N ASP A 180 16.87 -11.84 17.42
CA ASP A 180 18.26 -12.13 17.77
C ASP A 180 19.20 -11.11 17.14
N ILE A 181 18.89 -10.72 15.91
CA ILE A 181 19.72 -9.77 15.18
C ILE A 181 19.43 -8.35 15.66
N SER A 182 20.36 -7.78 16.43
CA SER A 182 20.24 -6.42 16.95
C SER A 182 19.10 -6.32 17.96
N ARG B 3 -1.21 -27.51 -7.47
CA ARG B 3 -0.15 -28.25 -8.15
C ARG B 3 1.11 -27.38 -8.30
N PRO B 4 0.98 -26.17 -8.88
CA PRO B 4 2.16 -25.31 -8.95
C PRO B 4 2.61 -24.75 -7.60
N GLU B 5 1.69 -24.56 -6.67
CA GLU B 5 2.03 -23.95 -5.39
C GLU B 5 2.85 -24.93 -4.53
N ILE B 6 2.58 -26.21 -4.68
CA ILE B 6 3.31 -27.22 -3.92
C ILE B 6 4.79 -27.19 -4.33
N TRP B 7 5.03 -27.04 -5.61
CA TRP B 7 6.38 -27.12 -6.15
C TRP B 7 7.15 -25.82 -5.93
N ILE B 8 6.45 -24.69 -6.02
CA ILE B 8 7.07 -23.39 -5.73
C ILE B 8 7.62 -23.41 -4.31
N ALA B 9 6.80 -23.84 -3.38
CA ALA B 9 7.15 -23.82 -1.96
C ALA B 9 8.36 -24.72 -1.69
N GLN B 10 8.59 -25.69 -2.56
CA GLN B 10 9.73 -26.59 -2.42
C GLN B 10 11.01 -25.96 -2.97
N GLU B 11 10.87 -25.10 -3.98
CA GLU B 11 12.01 -24.32 -4.46
C GLU B 11 12.44 -23.31 -3.42
N LEU B 12 11.46 -22.72 -2.72
CA LEU B 12 11.75 -21.80 -1.63
C LEU B 12 12.48 -22.54 -0.52
N ARG B 13 12.11 -23.80 -0.31
CA ARG B 13 12.78 -24.66 0.65
C ARG B 13 14.21 -24.92 0.20
N ARG B 14 14.39 -25.17 -1.09
CA ARG B 14 15.72 -25.40 -1.66
C ARG B 14 16.58 -24.14 -1.54
N ILE B 15 16.02 -23.01 -1.97
CA ILE B 15 16.71 -21.73 -1.89
C ILE B 15 17.09 -21.42 -0.45
N GLY B 16 16.17 -21.70 0.47
CA GLY B 16 16.41 -21.46 1.88
C GLY B 16 17.60 -22.23 2.39
N ASP B 17 17.77 -23.46 1.90
CA ASP B 17 18.90 -24.30 2.31
C ASP B 17 20.22 -23.74 1.81
N GLU B 18 20.23 -23.25 0.57
CA GLU B 18 21.42 -22.62 0.02
C GLU B 18 21.82 -21.42 0.86
N PHE B 19 20.83 -20.61 1.25
CA PHE B 19 21.10 -19.44 2.06
C PHE B 19 21.69 -19.82 3.42
N ASN B 20 21.06 -20.80 4.08
CA ASN B 20 21.50 -21.22 5.41
C ASN B 20 22.94 -21.71 5.43
N ALA B 21 23.31 -22.52 4.44
CA ALA B 21 24.64 -23.08 4.36
C ALA B 21 25.69 -21.98 4.14
N TYR B 22 25.39 -21.06 3.23
CA TYR B 22 26.31 -19.97 2.93
C TYR B 22 26.34 -18.93 4.05
N TYR B 23 25.19 -18.69 4.66
CA TYR B 23 25.10 -17.71 5.75
C TYR B 23 25.94 -18.15 6.95
N ALA B 24 26.20 -19.44 7.05
CA ALA B 24 27.02 -19.98 8.13
C ALA B 24 28.48 -19.55 7.98
N ILE C 47 -0.44 3.71 17.20
CA ILE C 47 0.06 2.52 16.53
C ILE C 47 0.58 1.52 17.55
N LEU C 48 1.06 2.02 18.68
CA LEU C 48 1.62 1.16 19.72
C LEU C 48 0.56 0.24 20.34
N ASP C 49 -0.71 0.57 20.13
CA ASP C 49 -1.79 -0.25 20.66
C ASP C 49 -1.92 -1.57 19.89
N TYR C 50 -1.21 -1.66 18.77
CA TYR C 50 -1.24 -2.85 17.91
C TYR C 50 0.10 -3.56 17.93
N LEU C 51 1.14 -2.84 18.33
CA LEU C 51 2.48 -3.41 18.46
C LEU C 51 2.73 -3.87 19.90
N SER C 52 2.02 -4.92 20.30
CA SER C 52 2.07 -5.42 21.67
C SER C 52 3.20 -6.43 21.86
N THR C 53 3.29 -7.38 20.94
CA THR C 53 4.27 -8.47 21.04
C THR C 53 5.37 -8.31 20.01
N GLU C 54 6.44 -9.09 20.16
CA GLU C 54 7.52 -9.11 19.18
C GLU C 54 6.98 -9.51 17.81
N ARG C 55 6.03 -10.44 17.79
CA ARG C 55 5.45 -10.91 16.54
C ARG C 55 4.75 -9.78 15.79
N ASP C 56 4.02 -8.95 16.51
CA ASP C 56 3.34 -7.82 15.90
C ASP C 56 4.35 -6.89 15.22
N HIS C 57 5.46 -6.61 15.91
CA HIS C 57 6.51 -5.77 15.36
C HIS C 57 7.08 -6.38 14.08
N VAL C 58 7.42 -7.65 14.14
CA VAL C 58 8.03 -8.33 12.99
C VAL C 58 7.03 -8.39 11.83
N MET C 59 5.78 -8.72 12.13
CA MET C 59 4.74 -8.75 11.09
C MET C 59 4.62 -7.38 10.44
N MET C 60 4.56 -6.35 11.28
CA MET C 60 4.50 -4.97 10.80
C MET C 60 5.69 -4.68 9.89
N ALA C 61 6.87 -5.15 10.29
CA ALA C 61 8.08 -4.90 9.52
C ALA C 61 8.01 -5.55 8.15
N VAL C 62 7.54 -6.80 8.11
CA VAL C 62 7.41 -7.52 6.85
C VAL C 62 6.40 -6.86 5.91
N ARG C 63 5.24 -6.48 6.46
CA ARG C 63 4.21 -5.82 5.66
C ARG C 63 4.70 -4.49 5.09
N TYR C 64 5.42 -3.72 5.91
CA TYR C 64 5.94 -2.43 5.45
C TYR C 64 6.89 -2.66 4.28
N TYR C 65 7.81 -3.61 4.44
CA TYR C 65 8.77 -3.94 3.40
C TYR C 65 8.10 -4.35 2.10
N MET C 66 7.16 -5.29 2.18
CA MET C 66 6.43 -5.74 1.00
C MET C 66 5.76 -4.55 0.32
N SER C 67 5.09 -3.73 1.11
CA SER C 67 4.35 -2.59 0.60
C SER C 67 5.28 -1.52 0.01
N LYS C 68 6.36 -1.24 0.71
CA LYS C 68 7.32 -0.23 0.27
C LYS C 68 7.97 -0.64 -1.05
N GLN C 69 8.40 -1.89 -1.12
CA GLN C 69 9.00 -2.45 -2.32
C GLN C 69 8.07 -2.34 -3.52
N ARG C 70 6.79 -2.62 -3.30
CA ARG C 70 5.80 -2.55 -4.37
C ARG C 70 5.68 -1.13 -4.90
N LEU C 71 5.59 -0.17 -3.98
CA LEU C 71 5.44 1.23 -4.36
C LEU C 71 6.67 1.73 -5.12
N ASP C 72 7.85 1.36 -4.63
CA ASP C 72 9.10 1.75 -5.29
C ASP C 72 9.18 1.21 -6.72
N ASP C 73 8.80 -0.05 -6.89
CA ASP C 73 8.88 -0.68 -8.19
C ASP C 73 7.79 -0.17 -9.13
N LEU C 74 6.64 0.18 -8.58
CA LEU C 74 5.57 0.78 -9.37
C LEU C 74 6.04 2.12 -9.96
N TYR C 75 6.59 2.98 -9.10
CA TYR C 75 7.08 4.27 -9.53
C TYR C 75 8.19 4.10 -10.58
N ARG C 76 9.03 3.09 -10.37
CA ARG C 76 10.10 2.77 -11.29
C ARG C 76 9.56 2.52 -12.70
N GLN C 77 8.35 1.99 -12.77
CA GLN C 77 7.72 1.62 -14.05
C GLN C 77 6.92 2.74 -14.68
N LEU C 78 6.59 3.77 -13.90
CA LEU C 78 5.71 4.83 -14.39
C LEU C 78 6.41 5.71 -15.42
N PRO C 79 5.67 6.11 -16.48
CA PRO C 79 6.23 7.05 -17.47
C PRO C 79 6.31 8.47 -16.94
N THR C 80 7.07 9.32 -17.62
CA THR C 80 7.28 10.70 -17.20
C THR C 80 5.98 11.44 -16.92
N LYS C 81 4.99 11.22 -17.78
CA LYS C 81 3.68 11.86 -17.65
C LYS C 81 3.05 11.59 -16.29
N THR C 82 3.00 10.31 -15.90
CA THR C 82 2.38 9.94 -14.65
C THR C 82 3.19 10.46 -13.46
N ARG C 83 4.50 10.47 -13.59
CA ARG C 83 5.37 10.99 -12.54
C ARG C 83 5.14 12.47 -12.32
N SER C 84 4.88 13.19 -13.40
CA SER C 84 4.59 14.63 -13.34
C SER C 84 3.30 14.88 -12.57
N TYR C 85 2.30 14.04 -12.81
CA TYR C 85 1.00 14.22 -12.18
C TYR C 85 1.08 13.97 -10.68
N ILE C 86 1.84 12.94 -10.30
CA ILE C 86 2.08 12.64 -8.89
C ILE C 86 2.70 13.85 -8.21
N ASP C 87 3.70 14.43 -8.87
CA ASP C 87 4.40 15.59 -8.33
C ASP C 87 3.47 16.77 -8.13
N ILE C 88 2.62 17.01 -9.12
CA ILE C 88 1.65 18.10 -9.06
C ILE C 88 0.65 17.87 -7.93
N ILE C 89 0.15 16.64 -7.81
CA ILE C 89 -0.78 16.31 -6.74
C ILE C 89 -0.08 16.50 -5.39
N ASN C 90 1.16 16.04 -5.30
CA ASN C 90 1.95 16.21 -4.07
C ASN C 90 2.04 17.65 -3.60
N ILE C 91 2.40 18.54 -4.53
CA ILE C 91 2.61 19.94 -4.18
C ILE C 91 1.31 20.61 -3.74
N TYR C 92 0.24 20.37 -4.49
CA TYR C 92 -1.03 21.03 -4.19
C TYR C 92 -1.70 20.46 -2.94
N CYS C 93 -1.69 19.14 -2.78
CA CYS C 93 -2.38 18.52 -1.66
C CYS C 93 -1.60 18.64 -0.34
N ASP C 94 -0.27 18.74 -0.44
CA ASP C 94 0.54 19.00 0.74
C ASP C 94 0.21 20.38 1.29
N LYS C 95 0.00 21.33 0.38
CA LYS C 95 -0.33 22.70 0.75
C LYS C 95 -1.72 22.79 1.39
N VAL C 96 -2.69 22.11 0.77
CA VAL C 96 -4.06 22.09 1.29
C VAL C 96 -4.09 21.42 2.65
N SER C 97 -3.44 20.27 2.77
CA SER C 97 -3.43 19.53 4.03
C SER C 97 -2.78 20.33 5.14
N ASN C 98 -1.76 21.11 4.79
CA ASN C 98 -1.07 21.95 5.76
C ASN C 98 -1.94 23.14 6.20
N ASP C 99 -2.50 23.85 5.22
CA ASP C 99 -3.28 25.05 5.50
C ASP C 99 -4.55 24.72 6.28
N TYR C 100 -5.23 23.65 5.87
CA TYR C 100 -6.49 23.27 6.49
C TYR C 100 -6.33 22.07 7.41
N ASN C 101 -5.14 21.94 7.99
CA ASN C 101 -4.83 20.83 8.89
C ASN C 101 -5.83 20.69 10.04
N ARG C 102 -6.21 21.81 10.64
CA ARG C 102 -7.15 21.79 11.75
C ARG C 102 -8.54 21.35 11.29
N ASP C 103 -8.92 21.75 10.08
CA ASP C 103 -10.20 21.36 9.51
C ASP C 103 -10.24 19.85 9.26
N MET C 104 -9.16 19.33 8.66
CA MET C 104 -9.07 17.91 8.33
C MET C 104 -9.16 17.04 9.57
N ASN C 105 -8.68 17.56 10.71
CA ASN C 105 -8.64 16.81 11.95
C ASN C 105 -10.01 16.60 12.58
N ILE C 106 -10.84 17.64 12.61
CA ILE C 106 -12.17 17.51 13.22
C ILE C 106 -13.10 16.78 12.27
N MET C 107 -12.87 16.93 10.97
CA MET C 107 -13.65 16.20 9.97
C MET C 107 -13.40 14.70 10.11
N TYR C 108 -12.19 14.34 10.52
CA TYR C 108 -11.89 12.94 10.80
C TYR C 108 -12.64 12.47 12.04
N ASP C 109 -12.72 13.33 13.05
CA ASP C 109 -13.36 12.99 14.32
C ASP C 109 -14.82 12.59 14.13
N MET C 110 -15.49 13.16 13.13
CA MET C 110 -16.87 12.78 12.85
C MET C 110 -16.94 11.66 11.83
N ALA C 111 -15.85 11.46 11.09
CA ALA C 111 -15.74 10.30 10.20
C ALA C 111 -15.49 9.02 11.00
N SER C 112 -15.20 9.19 12.30
CA SER C 112 -14.93 8.07 13.18
C SER C 112 -16.20 7.64 13.93
N THR C 113 -17.28 8.39 13.75
CA THR C 113 -18.56 8.04 14.35
C THR C 113 -19.10 6.75 13.76
N LYS C 114 -19.86 6.00 14.55
CA LYS C 114 -20.38 4.70 14.12
C LYS C 114 -21.14 4.75 12.81
N SER C 115 -21.95 5.78 12.63
CA SER C 115 -22.86 5.86 11.50
C SER C 115 -22.17 6.20 10.18
N PHE C 116 -20.88 6.53 10.24
CA PHE C 116 -20.13 6.87 9.03
C PHE C 116 -19.76 5.62 8.25
N THR C 117 -19.95 5.68 6.94
CA THR C 117 -19.53 4.60 6.04
C THR C 117 -18.88 5.21 4.81
N VAL C 118 -17.79 4.59 4.36
CA VAL C 118 -17.06 5.06 3.20
C VAL C 118 -17.96 5.09 1.97
N TYR C 119 -18.84 4.09 1.85
CA TYR C 119 -19.69 3.94 0.68
C TYR C 119 -20.65 5.12 0.55
N ASP C 120 -21.28 5.53 1.65
CA ASP C 120 -22.18 6.68 1.63
C ASP C 120 -21.39 7.97 1.43
N PHE C 121 -20.20 8.05 2.03
CA PHE C 121 -19.39 9.24 1.86
C PHE C 121 -18.99 9.40 0.39
N ASN C 122 -18.60 8.30 -0.24
CA ASN C 122 -18.24 8.31 -1.65
C ASN C 122 -19.35 8.94 -2.50
N ASN C 123 -20.58 8.50 -2.27
CA ASN C 123 -21.73 9.00 -3.02
C ASN C 123 -21.99 10.48 -2.78
N GLU C 124 -21.74 10.95 -1.55
CA GLU C 124 -21.91 12.36 -1.25
C GLU C 124 -20.85 13.19 -1.98
N VAL C 125 -19.63 12.65 -2.06
CA VAL C 125 -18.57 13.32 -2.81
C VAL C 125 -18.94 13.39 -4.28
N ASN C 126 -19.42 12.27 -4.84
CA ASN C 126 -19.84 12.23 -6.22
C ASN C 126 -20.91 13.28 -6.52
N THR C 127 -21.81 13.48 -5.56
CA THR C 127 -22.85 14.49 -5.69
C THR C 127 -22.26 15.89 -5.74
N ILE C 128 -21.35 16.18 -4.81
CA ILE C 128 -20.74 17.49 -4.70
C ILE C 128 -19.99 17.88 -5.98
N MET C 129 -19.24 16.93 -6.53
CA MET C 129 -18.40 17.22 -7.69
C MET C 129 -19.24 17.51 -8.93
N LEU C 130 -20.44 16.94 -8.96
CA LEU C 130 -21.31 17.08 -10.12
C LEU C 130 -21.87 18.49 -10.22
N ASP C 131 -21.99 19.16 -9.07
CA ASP C 131 -22.60 20.49 -9.01
C ASP C 131 -21.55 21.59 -8.93
N ASN C 132 -20.35 21.24 -8.45
CA ASN C 132 -19.27 22.21 -8.30
C ASN C 132 -18.01 21.73 -9.03
N LYS C 133 -17.52 22.56 -9.94
CA LYS C 133 -16.46 22.16 -10.86
C LYS C 133 -15.12 22.88 -10.59
N GLY C 134 -14.94 23.36 -9.38
CA GLY C 134 -13.69 23.98 -8.99
C GLY C 134 -12.63 22.96 -8.64
N LEU C 135 -11.36 23.35 -8.77
CA LEU C 135 -10.25 22.47 -8.46
C LEU C 135 -10.14 22.24 -6.95
N GLY C 136 -10.50 23.25 -6.17
CA GLY C 136 -10.32 23.23 -4.73
C GLY C 136 -10.97 22.06 -4.00
N VAL C 137 -12.23 21.78 -4.32
CA VAL C 137 -12.97 20.75 -3.61
C VAL C 137 -12.38 19.36 -3.88
N ARG C 138 -11.83 19.18 -5.08
CA ARG C 138 -11.21 17.92 -5.45
C ARG C 138 -9.91 17.72 -4.69
N LEU C 139 -9.09 18.77 -4.60
CA LEU C 139 -7.87 18.72 -3.81
C LEU C 139 -8.17 18.48 -2.35
N ALA C 140 -9.20 19.18 -1.85
CA ALA C 140 -9.61 19.03 -0.46
C ALA C 140 -10.05 17.60 -0.17
N THR C 141 -10.75 16.97 -1.11
CA THR C 141 -11.22 15.61 -0.92
C THR C 141 -10.06 14.63 -0.88
N ILE C 142 -9.06 14.83 -1.74
CA ILE C 142 -7.86 14.00 -1.75
C ILE C 142 -7.14 14.11 -0.41
N SER C 143 -6.99 15.33 0.07
CA SER C 143 -6.29 15.59 1.32
C SER C 143 -7.01 14.93 2.50
N PHE C 144 -8.33 14.96 2.49
CA PHE C 144 -9.10 14.37 3.58
C PHE C 144 -9.03 12.85 3.57
N ILE C 145 -9.19 12.25 2.39
CA ILE C 145 -9.12 10.80 2.26
C ILE C 145 -7.72 10.34 2.65
N THR C 146 -6.71 11.13 2.30
CA THR C 146 -5.35 10.82 2.68
C THR C 146 -5.21 10.82 4.20
N GLU C 147 -5.87 11.78 4.86
CA GLU C 147 -5.83 11.84 6.32
C GLU C 147 -6.54 10.65 6.94
N LEU C 148 -7.66 10.25 6.33
CA LEU C 148 -8.37 9.05 6.77
C LEU C 148 -7.47 7.84 6.65
N GLY C 149 -6.64 7.82 5.61
CA GLY C 149 -5.73 6.72 5.38
C GLY C 149 -4.63 6.63 6.42
N ARG C 150 -4.10 7.80 6.81
CA ARG C 150 -3.02 7.86 7.80
C ARG C 150 -3.44 7.29 9.15
N ARG C 151 -4.75 7.32 9.42
CA ARG C 151 -5.26 6.94 10.75
C ARG C 151 -6.05 5.63 10.69
N MET C 153 -5.60 1.69 10.43
CA MET C 153 -4.59 0.65 10.63
C MET C 153 -4.99 -0.66 9.96
N ASN C 154 -6.18 -0.68 9.37
CA ASN C 154 -6.60 -1.80 8.53
C ASN C 154 -6.17 -1.53 7.09
N PRO C 155 -5.08 -2.19 6.64
CA PRO C 155 -4.56 -1.87 5.31
C PRO C 155 -5.55 -2.18 4.19
N VAL C 156 -6.28 -3.29 4.30
CA VAL C 156 -7.22 -3.70 3.27
C VAL C 156 -8.35 -2.69 3.13
N LYS C 157 -8.93 -2.28 4.25
CA LYS C 157 -9.97 -1.25 4.25
C LYS C 157 -9.44 0.03 3.59
N THR C 158 -8.21 0.39 3.92
CA THR C 158 -7.62 1.61 3.40
C THR C 158 -7.48 1.59 1.88
N ILE C 159 -6.95 0.50 1.35
CA ILE C 159 -6.68 0.41 -0.09
C ILE C 159 -7.99 0.47 -0.85
N LYS C 160 -9.01 -0.18 -0.28
CA LYS C 160 -10.35 -0.14 -0.85
C LYS C 160 -10.87 1.30 -0.92
N MET C 161 -10.70 2.02 0.18
CA MET C 161 -11.12 3.42 0.24
C MET C 161 -10.39 4.24 -0.82
N PHE C 162 -9.07 4.10 -0.86
CA PHE C 162 -8.25 4.81 -1.84
C PHE C 162 -8.72 4.53 -3.26
N THR C 163 -8.94 3.26 -3.56
CA THR C 163 -9.28 2.83 -4.93
C THR C 163 -10.62 3.41 -5.35
N LEU C 164 -11.62 3.25 -4.49
CA LEU C 164 -12.97 3.73 -4.79
C LEU C 164 -13.00 5.26 -4.98
N LEU C 165 -12.49 5.98 -3.99
CA LEU C 165 -12.54 7.44 -4.03
C LEU C 165 -11.72 8.03 -5.17
N SER C 166 -10.65 7.32 -5.57
CA SER C 166 -9.82 7.79 -6.67
C SER C 166 -10.62 7.84 -7.97
N HIS C 167 -11.51 6.87 -8.16
CA HIS C 167 -12.43 6.90 -9.30
C HIS C 167 -13.33 8.11 -9.24
N THR C 168 -13.87 8.34 -8.05
CA THR C 168 -14.85 9.40 -7.83
C THR C 168 -14.24 10.77 -8.00
N ILE C 169 -13.06 10.96 -7.42
CA ILE C 169 -12.37 12.25 -7.47
C ILE C 169 -11.88 12.58 -8.88
N CYS C 170 -11.43 11.56 -9.61
CA CYS C 170 -10.86 11.81 -10.93
C CYS C 170 -11.94 11.84 -12.01
N ASP C 171 -12.82 12.82 -11.91
CA ASP C 171 -13.80 13.09 -12.97
C ASP C 171 -13.10 13.90 -14.06
N ASP C 172 -13.77 14.06 -15.19
CA ASP C 172 -13.18 14.75 -16.34
C ASP C 172 -12.75 16.16 -15.98
N CYS C 173 -13.48 16.78 -15.06
CA CYS C 173 -13.13 18.11 -14.57
C CYS C 173 -11.77 18.12 -13.89
N PHE C 174 -11.52 17.15 -13.02
CA PHE C 174 -10.23 17.06 -12.34
C PHE C 174 -9.12 16.73 -13.33
N VAL C 175 -9.40 15.80 -14.23
CA VAL C 175 -8.41 15.40 -15.24
C VAL C 175 -8.01 16.61 -16.09
N ASP C 176 -8.96 17.50 -16.34
CA ASP C 176 -8.67 18.70 -17.12
C ASP C 176 -7.72 19.62 -16.39
N TYR C 177 -7.89 19.75 -15.07
CA TYR C 177 -7.05 20.62 -14.28
C TYR C 177 -5.60 20.11 -14.23
N ILE C 178 -5.42 18.84 -13.92
CA ILE C 178 -4.09 18.26 -13.77
C ILE C 178 -3.33 18.31 -15.09
N THR C 179 -4.03 18.09 -16.20
CA THR C 179 -3.40 18.09 -17.52
C THR C 179 -3.03 19.50 -17.96
N ASP C 180 -3.80 20.49 -17.50
CA ASP C 180 -3.49 21.89 -17.77
C ASP C 180 -2.24 22.31 -17.02
N ILE C 181 -2.15 21.90 -15.75
CA ILE C 181 -1.04 22.25 -14.89
C ILE C 181 0.22 21.47 -15.30
N SER C 182 0.04 20.44 -16.12
CA SER C 182 1.16 19.61 -16.59
C SER C 182 2.32 20.44 -17.12
N ARG D 3 -25.69 11.09 7.61
CA ARG D 3 -25.76 12.43 8.18
C ARG D 3 -24.36 13.06 8.29
N PRO D 4 -23.40 12.36 8.93
CA PRO D 4 -22.05 12.93 8.99
C PRO D 4 -21.38 13.00 7.62
N GLU D 5 -21.52 11.96 6.81
CA GLU D 5 -20.92 11.94 5.48
C GLU D 5 -21.51 13.05 4.61
N ILE D 6 -22.76 13.41 4.88
CA ILE D 6 -23.44 14.43 4.09
C ILE D 6 -22.90 15.81 4.43
N TRP D 7 -22.50 15.99 5.69
CA TRP D 7 -22.03 17.29 6.16
C TRP D 7 -20.54 17.50 5.88
N ILE D 8 -19.75 16.44 6.03
CA ILE D 8 -18.32 16.49 5.72
C ILE D 8 -18.11 16.92 4.28
N ALA D 9 -18.86 16.31 3.37
CA ALA D 9 -18.74 16.61 1.95
C ALA D 9 -19.10 18.06 1.67
N GLN D 10 -19.98 18.61 2.50
CA GLN D 10 -20.39 20.01 2.37
C GLN D 10 -19.29 20.95 2.85
N GLU D 11 -18.56 20.51 3.87
CA GLU D 11 -17.46 21.29 4.42
C GLU D 11 -16.27 21.28 3.47
N LEU D 12 -16.10 20.16 2.75
CA LEU D 12 -15.05 20.05 1.75
C LEU D 12 -15.29 21.01 0.60
N ARG D 13 -16.56 21.21 0.26
CA ARG D 13 -16.93 22.18 -0.77
C ARG D 13 -16.53 23.59 -0.33
N ARG D 14 -16.87 23.92 0.92
CA ARG D 14 -16.55 25.22 1.49
C ARG D 14 -15.04 25.45 1.52
N ILE D 15 -14.30 24.44 1.95
CA ILE D 15 -12.84 24.51 1.93
C ILE D 15 -12.35 24.67 0.49
N GLY D 16 -13.00 23.98 -0.43
CA GLY D 16 -12.65 24.05 -1.84
C GLY D 16 -12.84 25.44 -2.43
N ASP D 17 -13.98 26.05 -2.14
CA ASP D 17 -14.27 27.39 -2.64
C ASP D 17 -13.33 28.41 -2.01
N GLU D 18 -12.99 28.19 -0.74
CA GLU D 18 -12.02 29.02 -0.06
C GLU D 18 -10.67 28.94 -0.76
N PHE D 19 -10.24 27.71 -1.06
CA PHE D 19 -8.98 27.50 -1.78
C PHE D 19 -8.99 28.20 -3.14
N ASN D 20 -10.09 28.10 -3.85
CA ASN D 20 -10.19 28.65 -5.20
C ASN D 20 -10.11 30.17 -5.22
N ALA D 21 -10.58 30.81 -4.15
CA ALA D 21 -10.64 32.26 -4.09
C ALA D 21 -9.29 32.88 -3.71
N TYR D 22 -8.59 32.25 -2.79
CA TYR D 22 -7.26 32.72 -2.39
C TYR D 22 -6.24 32.47 -3.49
N TYR D 23 -6.55 31.53 -4.38
CA TYR D 23 -5.65 31.20 -5.48
C TYR D 23 -5.73 32.26 -6.57
#